data_9O90
#
_entry.id   9O90
#
_cell.length_a   115.848
_cell.length_b   94.336
_cell.length_c   80.541
_cell.angle_alpha   90.00
_cell.angle_beta   109.80
_cell.angle_gamma   90.00
#
_symmetry.space_group_name_H-M   'C 1 2 1'
#
loop_
_entity.id
_entity.type
_entity.pdbx_description
1 polymer 'UTP--glucose-1-phosphate uridylyltransferase'
2 non-polymer GLYCINE
3 non-polymer GLYCEROL
4 water water
#
_entity_poly.entity_id   1
_entity_poly.type   'polypeptide(L)'
_entity_poly.pdbx_seq_one_letter_code
;MAHHHHHHVVRKAVFPVAGMGTRFLPATKAMPKEMLPVVDKPLIQYAVEEAVAAGITDLIFVTGRNKRAIEDHFDAAPEL
ETDLEAKGKHELLALVRDILPAHVNCLYIRQSAPLGLGHAVLTAAPAVGNEPFAVLLADDLIDADTPVLKQLIDVAVARQ
GSVLGVQEVPREDTRKYGIVASQPVDARTERVTHIVEKPAPEQAPTTLAVVGRYVLEAAIFDHLRATTVGAGNEIQLTDG
IAALLRERDVYAHRYDGKRYDCGSKAGMFQATVALGRKYHGLIPE
;
_entity_poly.pdbx_strand_id   A,B
#
# COMPACT_ATOMS: atom_id res chain seq x y z
N HIS A 8 16.10 -0.05 16.99
CA HIS A 8 14.65 -0.10 16.77
C HIS A 8 14.06 1.27 16.60
N VAL A 9 13.42 1.49 15.47
CA VAL A 9 12.51 2.60 15.29
C VAL A 9 11.24 2.01 14.69
N VAL A 10 10.11 2.25 15.34
CA VAL A 10 8.85 1.68 14.92
C VAL A 10 8.00 2.83 14.40
N ARG A 11 7.81 2.88 13.11
CA ARG A 11 7.00 3.94 12.50
C ARG A 11 5.87 3.42 11.62
N LYS A 12 5.78 2.11 11.43
CA LYS A 12 4.72 1.50 10.63
C LYS A 12 3.80 0.67 11.50
N ALA A 13 2.50 0.75 11.24
CA ALA A 13 1.52 -0.08 11.93
C ALA A 13 0.59 -0.73 10.92
N VAL A 14 0.24 -1.98 11.19
CA VAL A 14 -0.61 -2.80 10.34
C VAL A 14 -1.94 -2.99 11.04
N PHE A 15 -3.04 -2.71 10.32
CA PHE A 15 -4.40 -2.85 10.83
C PHE A 15 -5.19 -3.83 9.98
N PRO A 16 -5.42 -5.05 10.45
CA PRO A 16 -6.31 -5.95 9.71
C PRO A 16 -7.73 -5.48 9.88
N VAL A 17 -8.34 -5.12 8.76
CA VAL A 17 -9.66 -4.51 8.75
C VAL A 17 -10.55 -5.24 7.75
N ALA A 18 -10.38 -6.54 7.65
CA ALA A 18 -11.26 -7.38 6.85
C ALA A 18 -12.19 -8.23 7.72
N GLY A 19 -12.43 -7.82 8.98
CA GLY A 19 -13.25 -8.66 9.86
C GLY A 19 -14.65 -8.94 9.35
N MET A 20 -14.98 -10.23 9.21
CA MET A 20 -16.31 -10.59 8.72
C MET A 20 -17.41 -10.21 9.69
N GLY A 21 -17.12 -10.28 10.98
CA GLY A 21 -18.08 -9.86 11.98
C GLY A 21 -19.39 -10.57 11.75
N THR A 22 -19.33 -11.89 11.51
CA THR A 22 -20.55 -12.63 11.28
C THR A 22 -21.47 -12.50 12.47
N ARG A 23 -20.87 -12.34 13.64
CA ARG A 23 -21.67 -12.16 14.88
C ARG A 23 -22.44 -10.84 14.82
N PHE A 24 -22.02 -9.92 13.94
CA PHE A 24 -22.65 -8.61 13.83
C PHE A 24 -23.42 -8.41 12.53
N LEU A 25 -23.60 -9.46 11.73
CA LEU A 25 -24.52 -9.36 10.61
C LEU A 25 -25.90 -9.07 11.18
N PRO A 26 -26.70 -8.30 10.48
CA PRO A 26 -26.50 -7.72 9.14
C PRO A 26 -25.71 -6.42 9.09
N ALA A 27 -25.31 -5.82 10.20
CA ALA A 27 -24.64 -4.51 10.14
C ALA A 27 -23.32 -4.56 9.39
N THR A 28 -22.63 -5.67 9.40
CA THR A 28 -21.38 -5.84 8.70
C THR A 28 -21.58 -6.38 7.27
N LYS A 29 -22.79 -6.34 6.76
CA LYS A 29 -22.96 -6.71 5.35
C LYS A 29 -22.16 -5.81 4.42
N ALA A 30 -22.18 -4.51 4.65
CA ALA A 30 -21.54 -3.56 3.75
C ALA A 30 -20.39 -2.81 4.38
N MET A 31 -20.00 -3.15 5.61
CA MET A 31 -18.80 -2.57 6.18
C MET A 31 -18.13 -3.64 7.03
N PRO A 32 -16.82 -3.61 7.12
CA PRO A 32 -16.14 -4.57 7.99
C PRO A 32 -16.40 -4.23 9.44
N LYS A 33 -16.18 -5.24 10.28
CA LYS A 33 -16.46 -5.15 11.71
C LYS A 33 -15.78 -3.94 12.32
N GLU A 34 -14.54 -3.68 11.90
CA GLU A 34 -13.77 -2.59 12.49
C GLU A 34 -14.30 -1.22 12.13
N MET A 35 -15.28 -1.09 11.23
CA MET A 35 -15.93 0.20 10.98
C MET A 35 -17.19 0.43 11.82
N LEU A 36 -17.65 -0.55 12.60
CA LEU A 36 -18.76 -0.27 13.51
C LEU A 36 -18.33 0.75 14.56
N PRO A 37 -19.17 1.71 14.88
CA PRO A 37 -18.84 2.73 15.85
C PRO A 37 -19.12 2.35 17.30
N VAL A 38 -18.34 2.94 18.18
CA VAL A 38 -18.63 2.97 19.62
C VAL A 38 -18.99 4.42 19.91
N VAL A 39 -20.29 4.63 20.09
CA VAL A 39 -20.93 5.95 20.17
C VAL A 39 -20.81 6.68 18.84
N ASP A 40 -19.73 7.42 18.64
CA ASP A 40 -19.62 8.26 17.44
C ASP A 40 -18.35 8.01 16.64
N LYS A 41 -17.67 6.88 16.88
CA LYS A 41 -16.33 6.69 16.33
C LYS A 41 -16.09 5.23 15.95
N PRO A 42 -15.68 4.94 14.72
CA PRO A 42 -15.45 3.54 14.34
C PRO A 42 -14.37 2.92 15.19
N LEU A 43 -14.53 1.63 15.51
CA LEU A 43 -13.46 0.93 16.22
C LEU A 43 -12.08 1.23 15.65
N ILE A 44 -11.92 1.14 14.31
CA ILE A 44 -10.59 1.32 13.72
C ILE A 44 -10.03 2.70 14.02
N GLN A 45 -10.88 3.73 14.12
CA GLN A 45 -10.32 5.05 14.36
C GLN A 45 -9.71 5.16 15.77
N TYR A 46 -10.31 4.49 16.78
CA TYR A 46 -9.68 4.49 18.10
C TYR A 46 -8.28 3.88 18.01
N ALA A 47 -8.13 2.80 17.24
CA ALA A 47 -6.84 2.13 17.14
C ALA A 47 -5.84 2.96 16.34
N VAL A 48 -6.30 3.60 15.28
CA VAL A 48 -5.43 4.48 14.52
C VAL A 48 -4.96 5.66 15.39
N GLU A 49 -5.86 6.24 16.18
CA GLU A 49 -5.47 7.37 17.03
C GLU A 49 -4.43 6.95 18.07
N GLU A 50 -4.58 5.75 18.63
CA GLU A 50 -3.55 5.23 19.51
C GLU A 50 -2.22 5.08 18.80
N ALA A 51 -2.23 4.51 17.59
CA ALA A 51 -0.99 4.30 16.86
C ALA A 51 -0.30 5.63 16.59
N VAL A 52 -1.07 6.63 16.16
CA VAL A 52 -0.50 7.93 15.84
C VAL A 52 0.04 8.61 17.10
N ALA A 53 -0.71 8.52 18.20
CA ALA A 53 -0.24 9.08 19.46
C ALA A 53 1.04 8.41 19.92
N ALA A 54 1.30 7.18 19.48
CA ALA A 54 2.52 6.44 19.80
C ALA A 54 3.65 6.66 18.78
N GLY A 55 3.49 7.60 17.84
CA GLY A 55 4.56 7.93 16.92
C GLY A 55 4.51 7.24 15.57
N ILE A 56 3.47 6.47 15.29
CA ILE A 56 3.36 5.83 13.99
C ILE A 56 3.06 6.90 12.95
N THR A 57 3.74 6.81 11.81
CA THR A 57 3.49 7.69 10.70
C THR A 57 3.01 6.98 9.46
N ASP A 58 3.20 5.65 9.35
CA ASP A 58 2.77 4.90 8.18
C ASP A 58 1.71 3.89 8.59
N LEU A 59 0.49 4.10 8.13
CA LEU A 59 -0.62 3.20 8.40
C LEU A 59 -0.78 2.25 7.21
N ILE A 60 -0.95 0.96 7.50
CA ILE A 60 -1.13 -0.09 6.51
C ILE A 60 -2.42 -0.81 6.85
N PHE A 61 -3.40 -0.66 5.99
CA PHE A 61 -4.72 -1.27 6.16
C PHE A 61 -4.80 -2.49 5.27
N VAL A 62 -5.09 -3.64 5.87
CA VAL A 62 -5.28 -4.88 5.13
C VAL A 62 -6.77 -5.11 5.01
N THR A 63 -7.28 -4.99 3.79
CA THR A 63 -8.70 -4.94 3.53
C THR A 63 -9.20 -6.24 2.94
N GLY A 64 -10.51 -6.40 2.97
CA GLY A 64 -11.15 -7.55 2.37
C GLY A 64 -12.36 -7.05 1.60
N ARG A 65 -13.52 -7.66 1.78
CA ARG A 65 -14.64 -7.06 1.09
C ARG A 65 -15.11 -5.82 1.86
N ASN A 66 -15.84 -4.97 1.16
CA ASN A 66 -16.26 -3.69 1.71
C ASN A 66 -15.05 -2.83 2.05
N LYS A 67 -13.97 -2.98 1.28
CA LYS A 67 -12.80 -2.13 1.46
C LYS A 67 -13.18 -0.64 1.38
N ARG A 68 -14.24 -0.32 0.63
CA ARG A 68 -14.72 1.05 0.45
C ARG A 68 -14.91 1.79 1.77
N ALA A 69 -15.56 1.13 2.71
CA ALA A 69 -15.89 1.78 3.98
C ALA A 69 -14.63 2.25 4.71
N ILE A 70 -13.59 1.42 4.69
CA ILE A 70 -12.31 1.83 5.29
C ILE A 70 -11.66 2.95 4.49
N GLU A 71 -11.52 2.75 3.17
CA GLU A 71 -10.84 3.74 2.36
C GLU A 71 -11.53 5.08 2.45
N ASP A 72 -12.85 5.09 2.33
CA ASP A 72 -13.54 6.37 2.35
C ASP A 72 -13.52 6.99 3.73
N HIS A 73 -13.33 6.17 4.77
CA HIS A 73 -13.27 6.77 6.10
C HIS A 73 -11.97 7.55 6.27
N PHE A 74 -10.85 7.00 5.81
CA PHE A 74 -9.57 7.63 6.06
C PHE A 74 -9.10 8.54 4.93
N ASP A 75 -9.54 8.31 3.70
CA ASP A 75 -9.14 9.22 2.63
C ASP A 75 -9.86 10.56 2.76
N ALA A 76 -9.20 11.63 2.32
CA ALA A 76 -9.82 12.94 2.39
C ALA A 76 -11.12 12.98 1.63
N ALA A 77 -12.06 13.79 2.10
CA ALA A 77 -13.34 13.98 1.43
C ALA A 77 -13.49 15.47 1.14
N PRO A 78 -12.99 15.94 0.01
CA PRO A 78 -13.03 17.39 -0.24
C PRO A 78 -14.43 17.96 -0.15
N GLU A 79 -15.42 17.24 -0.69
CA GLU A 79 -16.78 17.76 -0.74
C GLU A 79 -17.29 18.07 0.66
N LEU A 80 -17.07 17.14 1.60
CA LEU A 80 -17.54 17.33 2.96
C LEU A 80 -16.84 18.52 3.60
N GLU A 81 -15.53 18.66 3.37
CA GLU A 81 -14.79 19.76 3.97
C GLU A 81 -15.28 21.11 3.44
N THR A 82 -15.51 21.22 2.12
CA THR A 82 -16.00 22.48 1.56
C THR A 82 -17.39 22.81 2.09
N ASP A 83 -18.29 21.82 2.18
CA ASP A 83 -19.60 22.09 2.73
C ASP A 83 -19.51 22.54 4.18
N LEU A 84 -18.67 21.87 4.98
CA LEU A 84 -18.52 22.25 6.38
C LEU A 84 -17.88 23.61 6.52
N GLU A 85 -16.93 23.94 5.62
CA GLU A 85 -16.36 25.27 5.60
C GLU A 85 -17.44 26.31 5.38
N ALA A 86 -18.28 26.10 4.36
CA ALA A 86 -19.38 27.01 4.10
C ALA A 86 -20.22 27.21 5.35
N LYS A 87 -20.68 26.13 5.97
CA LYS A 87 -21.49 26.20 7.17
C LYS A 87 -20.74 26.80 8.35
N GLY A 88 -19.46 27.14 8.17
CA GLY A 88 -18.69 27.67 9.27
C GLY A 88 -18.65 26.76 10.47
N LYS A 89 -18.69 25.45 10.26
CA LYS A 89 -18.64 24.49 11.36
C LYS A 89 -17.19 24.04 11.54
N HIS A 90 -16.39 24.99 12.02
CA HIS A 90 -14.94 24.83 11.98
C HIS A 90 -14.45 23.76 12.95
N GLU A 91 -15.11 23.58 14.09
CA GLU A 91 -14.71 22.51 14.99
C GLU A 91 -14.97 21.15 14.34
N LEU A 92 -16.06 21.04 13.59
CA LEU A 92 -16.32 19.80 12.84
C LEU A 92 -15.28 19.59 11.75
N LEU A 93 -14.96 20.64 10.99
CA LEU A 93 -13.98 20.50 9.92
C LEU A 93 -12.66 19.96 10.45
N ALA A 94 -12.20 20.51 11.57
CA ALA A 94 -10.93 20.06 12.16
C ALA A 94 -11.04 18.61 12.59
N LEU A 95 -12.20 18.21 13.08
CA LEU A 95 -12.44 16.82 13.45
C LEU A 95 -12.30 15.91 12.23
N VAL A 96 -12.96 16.27 11.13
CA VAL A 96 -12.85 15.45 9.93
C VAL A 96 -11.41 15.38 9.45
N ARG A 97 -10.65 16.49 9.55
CA ARG A 97 -9.28 16.50 9.03
C ARG A 97 -8.34 15.69 9.89
N ASP A 98 -8.64 15.55 11.18
CA ASP A 98 -7.83 14.78 12.11
C ASP A 98 -7.97 13.27 11.96
N ILE A 99 -8.92 12.79 11.16
CA ILE A 99 -9.05 11.34 10.99
C ILE A 99 -7.75 10.77 10.45
N LEU A 100 -7.09 11.50 9.55
CA LEU A 100 -5.77 11.16 9.03
C LEU A 100 -4.94 12.43 9.16
N PRO A 101 -4.18 12.58 10.25
CA PRO A 101 -3.35 13.77 10.42
C PRO A 101 -2.34 13.97 9.28
N ALA A 102 -1.89 15.22 9.14
CA ALA A 102 -1.06 15.64 8.02
C ALA A 102 0.29 14.94 8.00
N HIS A 103 0.86 14.62 9.17
CA HIS A 103 2.16 13.95 9.21
C HIS A 103 2.04 12.44 9.00
N VAL A 104 0.85 11.94 8.70
CA VAL A 104 0.58 10.51 8.64
C VAL A 104 0.13 10.16 7.23
N ASN A 105 0.56 9.00 6.75
CA ASN A 105 0.15 8.47 5.46
C ASN A 105 -0.44 7.07 5.65
N CYS A 106 -1.25 6.69 4.67
CA CYS A 106 -1.83 5.34 4.70
C CYS A 106 -1.78 4.67 3.33
N LEU A 107 -1.73 3.36 3.34
CA LEU A 107 -1.84 2.60 2.13
C LEU A 107 -2.73 1.40 2.38
N TYR A 108 -3.24 0.83 1.30
CA TYR A 108 -4.24 -0.21 1.34
C TYR A 108 -3.74 -1.44 0.59
N ILE A 109 -3.88 -2.60 1.21
CA ILE A 109 -3.52 -3.89 0.61
C ILE A 109 -4.67 -4.88 0.83
N ARG A 110 -4.98 -5.64 -0.21
CA ARG A 110 -6.03 -6.66 -0.13
C ARG A 110 -5.43 -7.99 0.30
N GLN A 111 -5.99 -8.58 1.33
CA GLN A 111 -5.66 -9.96 1.59
C GLN A 111 -6.31 -10.82 0.52
N SER A 112 -5.60 -11.86 0.10
CA SER A 112 -6.07 -12.69 -1.00
C SER A 112 -7.32 -13.48 -0.62
N ALA A 113 -7.41 -13.90 0.64
CA ALA A 113 -8.50 -14.71 1.14
C ALA A 113 -8.51 -14.57 2.66
N PRO A 114 -9.63 -14.91 3.32
CA PRO A 114 -9.69 -14.87 4.80
C PRO A 114 -8.99 -16.08 5.42
N LEU A 115 -7.68 -15.96 5.54
CA LEU A 115 -6.83 -17.06 6.01
C LEU A 115 -6.30 -16.80 7.41
N GLY A 116 -6.87 -15.84 8.13
CA GLY A 116 -6.51 -15.58 9.51
C GLY A 116 -5.51 -14.45 9.66
N LEU A 117 -5.22 -14.15 10.94
CA LEU A 117 -4.41 -12.99 11.28
C LEU A 117 -3.00 -13.13 10.77
N GLY A 118 -2.46 -14.34 10.85
CA GLY A 118 -1.10 -14.55 10.38
C GLY A 118 -1.00 -14.24 8.89
N HIS A 119 -2.00 -14.66 8.12
CA HIS A 119 -2.00 -14.32 6.70
C HIS A 119 -2.16 -12.82 6.47
N ALA A 120 -3.03 -12.18 7.27
CA ALA A 120 -3.21 -10.74 7.13
C ALA A 120 -1.91 -10.02 7.42
N VAL A 121 -1.17 -10.46 8.44
CA VAL A 121 0.10 -9.81 8.74
C VAL A 121 1.11 -10.05 7.62
N LEU A 122 1.22 -11.28 7.13
CA LEU A 122 2.12 -11.54 6.00
C LEU A 122 1.75 -10.71 4.77
N THR A 123 0.46 -10.45 4.57
CA THR A 123 0.00 -9.62 3.45
C THR A 123 0.68 -8.25 3.47
N ALA A 124 1.09 -7.77 4.62
CA ALA A 124 1.64 -6.42 4.75
C ALA A 124 3.13 -6.35 4.47
N ALA A 125 3.79 -7.49 4.33
CA ALA A 125 5.25 -7.51 4.16
C ALA A 125 5.75 -6.62 3.04
N PRO A 126 5.11 -6.56 1.86
CA PRO A 126 5.66 -5.67 0.82
C PRO A 126 5.69 -4.20 1.23
N ALA A 127 4.80 -3.78 2.13
CA ALA A 127 4.81 -2.40 2.62
C ALA A 127 5.75 -2.19 3.81
N VAL A 128 6.02 -3.23 4.57
CA VAL A 128 6.84 -3.09 5.75
C VAL A 128 8.32 -3.20 5.44
N GLY A 129 8.70 -4.09 4.50
CA GLY A 129 10.12 -4.27 4.29
C GLY A 129 10.76 -4.97 5.48
N ASN A 130 12.03 -4.65 5.71
CA ASN A 130 12.79 -5.24 6.82
C ASN A 130 12.88 -4.30 8.03
N GLU A 131 11.76 -3.85 8.54
CA GLU A 131 11.81 -3.04 9.75
C GLU A 131 10.77 -3.53 10.76
N PRO A 132 11.00 -3.28 12.05
CA PRO A 132 10.01 -3.67 13.05
C PRO A 132 8.73 -2.87 12.87
N PHE A 133 7.59 -3.50 13.19
CA PHE A 133 6.32 -2.86 12.92
C PHE A 133 5.27 -3.25 13.95
N ALA A 134 4.25 -2.41 14.04
CA ALA A 134 3.17 -2.63 14.97
C ALA A 134 2.01 -3.34 14.27
N VAL A 135 1.27 -4.10 15.03
CA VAL A 135 0.00 -4.68 14.60
C VAL A 135 -1.04 -4.32 15.64
N LEU A 136 -2.20 -3.79 15.19
CA LEU A 136 -3.28 -3.46 16.10
C LEU A 136 -4.59 -4.03 15.58
N LEU A 137 -5.27 -4.77 16.43
CA LEU A 137 -6.58 -5.35 16.15
C LEU A 137 -7.64 -4.44 16.77
N ALA A 138 -8.40 -3.78 15.92
CA ALA A 138 -9.28 -2.74 16.40
C ALA A 138 -10.40 -3.28 17.27
N ASP A 139 -10.71 -4.57 17.16
CA ASP A 139 -11.75 -5.17 18.02
C ASP A 139 -11.35 -5.09 19.49
N ASP A 140 -10.06 -5.03 19.77
CA ASP A 140 -9.57 -4.78 21.12
C ASP A 140 -9.51 -3.29 21.28
N LEU A 141 -10.58 -2.72 21.84
CA LEU A 141 -10.66 -1.30 22.12
C LEU A 141 -10.06 -1.03 23.49
N ILE A 142 -9.00 -0.24 23.53
CA ILE A 142 -8.25 -0.04 24.75
C ILE A 142 -8.31 1.43 25.12
N ASP A 143 -8.76 1.71 26.34
CA ASP A 143 -8.84 3.06 26.89
C ASP A 143 -7.72 3.15 27.91
N ALA A 144 -6.75 4.03 27.67
CA ALA A 144 -5.54 4.10 28.48
C ALA A 144 -5.05 5.54 28.55
N ASP A 145 -4.47 5.89 29.68
CA ASP A 145 -3.92 7.23 29.87
C ASP A 145 -2.71 7.49 28.99
N THR A 146 -1.88 6.47 28.78
CA THR A 146 -0.76 6.51 27.85
C THR A 146 -1.02 5.47 26.76
N PRO A 147 -0.78 5.80 25.49
CA PRO A 147 -1.14 4.85 24.43
C PRO A 147 -0.47 3.51 24.66
N VAL A 148 -1.25 2.42 24.57
CA VAL A 148 -0.69 1.10 24.86
C VAL A 148 0.40 0.75 23.86
N LEU A 149 0.21 1.11 22.59
CA LEU A 149 1.25 0.80 21.61
C LEU A 149 2.55 1.46 21.98
N LYS A 150 2.49 2.69 22.52
CA LYS A 150 3.69 3.37 22.97
C LYS A 150 4.37 2.62 24.10
N GLN A 151 3.57 2.11 25.05
CA GLN A 151 4.15 1.32 26.13
C GLN A 151 4.89 0.12 25.58
N LEU A 152 4.27 -0.57 24.59
CA LEU A 152 4.93 -1.72 23.96
C LEU A 152 6.15 -1.32 23.14
N ILE A 153 6.06 -0.22 22.39
CA ILE A 153 7.21 0.22 21.58
C ILE A 153 8.42 0.53 22.48
N ASP A 154 8.18 1.24 23.61
CA ASP A 154 9.32 1.59 24.47
C ASP A 154 9.99 0.35 25.03
N VAL A 155 9.21 -0.67 25.39
CA VAL A 155 9.81 -1.95 25.78
C VAL A 155 10.56 -2.58 24.63
N ALA A 156 9.98 -2.54 23.42
CA ALA A 156 10.63 -3.15 22.27
C ALA A 156 11.99 -2.52 21.99
N VAL A 157 12.05 -1.19 22.04
CA VAL A 157 13.33 -0.52 21.84
C VAL A 157 14.29 -0.85 22.98
N ALA A 158 13.81 -0.82 24.22
CA ALA A 158 14.70 -1.00 25.36
C ALA A 158 15.28 -2.41 25.43
N ARG A 159 14.45 -3.43 25.20
CA ARG A 159 14.88 -4.81 25.35
C ARG A 159 15.31 -5.45 24.05
N GLN A 160 15.19 -4.73 22.92
CA GLN A 160 15.64 -5.20 21.61
C GLN A 160 14.98 -6.54 21.24
N GLY A 161 13.66 -6.49 21.06
CA GLY A 161 12.91 -7.68 20.66
C GLY A 161 11.47 -7.37 20.35
N SER A 162 10.73 -8.40 19.91
CA SER A 162 9.30 -8.25 19.72
C SER A 162 8.60 -8.20 21.08
N VAL A 163 7.41 -7.55 21.11
CA VAL A 163 6.65 -7.39 22.34
C VAL A 163 5.18 -7.64 22.05
N LEU A 164 4.57 -8.53 22.82
CA LEU A 164 3.13 -8.77 22.81
C LEU A 164 2.47 -8.07 23.99
N GLY A 165 1.40 -7.32 23.74
CA GLY A 165 0.59 -6.84 24.85
C GLY A 165 -0.18 -8.00 25.49
N VAL A 166 -0.21 -8.04 26.83
CA VAL A 166 -0.89 -9.12 27.54
C VAL A 166 -1.69 -8.60 28.73
N GLN A 167 -2.65 -9.40 29.17
CA GLN A 167 -3.32 -9.19 30.44
C GLN A 167 -3.80 -10.52 30.98
N GLU A 168 -3.97 -10.57 32.32
CA GLU A 168 -4.56 -11.73 32.98
C GLU A 168 -6.05 -11.82 32.61
N VAL A 169 -6.50 -13.05 32.41
CA VAL A 169 -7.92 -13.31 32.19
C VAL A 169 -8.36 -14.41 33.15
N PRO A 170 -9.66 -14.53 33.37
CA PRO A 170 -10.16 -15.63 34.20
C PRO A 170 -9.79 -16.96 33.58
N ARG A 171 -9.38 -17.92 34.43
CA ARG A 171 -8.95 -19.21 33.87
C ARG A 171 -10.03 -19.84 33.02
N GLU A 172 -11.30 -19.58 33.37
CA GLU A 172 -12.42 -20.13 32.64
C GLU A 172 -12.48 -19.59 31.21
N ASP A 173 -11.82 -18.48 30.93
CA ASP A 173 -11.88 -17.84 29.62
C ASP A 173 -10.70 -18.19 28.72
N THR A 174 -9.76 -19.03 29.16
CA THR A 174 -8.53 -19.18 28.38
C THR A 174 -8.78 -19.80 27.01
N ARG A 175 -9.90 -20.50 26.85
CA ARG A 175 -10.29 -21.10 25.59
C ARG A 175 -10.55 -20.05 24.52
N LYS A 176 -10.66 -18.78 24.90
CA LYS A 176 -10.87 -17.68 23.96
C LYS A 176 -9.58 -17.10 23.40
N TYR A 177 -8.42 -17.42 23.97
CA TYR A 177 -7.24 -16.58 23.78
C TYR A 177 -5.99 -17.38 23.45
N GLY A 178 -5.00 -16.68 22.89
CA GLY A 178 -3.64 -17.17 22.92
C GLY A 178 -3.03 -16.87 24.29
N ILE A 179 -2.35 -17.88 24.86
CA ILE A 179 -1.88 -17.84 26.23
C ILE A 179 -0.37 -17.94 26.21
N VAL A 180 0.31 -17.04 26.91
CA VAL A 180 1.76 -17.02 26.95
CA VAL A 180 1.76 -16.99 26.96
C VAL A 180 2.27 -17.67 28.23
N ALA A 181 3.29 -18.50 28.06
CA ALA A 181 4.08 -19.04 29.14
C ALA A 181 5.37 -18.23 29.12
N SER A 182 5.68 -17.58 30.24
CA SER A 182 6.73 -16.58 30.26
C SER A 182 7.33 -16.54 31.66
N GLN A 183 8.50 -15.94 31.75
CA GLN A 183 9.15 -15.69 33.03
C GLN A 183 9.36 -14.19 33.19
N PRO A 184 9.11 -13.67 34.38
CA PRO A 184 9.23 -12.22 34.62
C PRO A 184 10.64 -11.70 34.42
N VAL A 185 10.73 -10.51 33.84
CA VAL A 185 11.97 -9.74 33.84
C VAL A 185 11.84 -8.48 34.69
N ASP A 186 10.64 -7.96 34.85
CA ASP A 186 10.31 -6.93 35.83
C ASP A 186 8.81 -7.06 36.09
N ALA A 187 8.23 -6.08 36.78
CA ALA A 187 6.84 -6.22 37.25
C ALA A 187 5.83 -6.27 36.11
N ARG A 188 6.19 -5.74 34.94
CA ARG A 188 5.28 -5.72 33.80
C ARG A 188 5.78 -6.50 32.61
N THR A 189 7.07 -6.74 32.48
CA THR A 189 7.63 -7.33 31.27
C THR A 189 8.11 -8.74 31.55
N GLU A 190 7.88 -9.64 30.60
CA GLU A 190 8.18 -11.06 30.71
C GLU A 190 8.89 -11.54 29.45
N ARG A 191 9.73 -12.56 29.59
CA ARG A 191 10.36 -13.22 28.46
C ARG A 191 9.51 -14.42 28.07
N VAL A 192 9.04 -14.45 26.82
CA VAL A 192 8.14 -15.51 26.38
C VAL A 192 8.96 -16.74 26.02
N THR A 193 8.52 -17.91 26.48
CA THR A 193 9.13 -19.18 26.16
C THR A 193 8.21 -20.10 25.38
N HIS A 194 6.91 -19.98 25.55
CA HIS A 194 5.95 -20.84 24.87
C HIS A 194 4.68 -20.04 24.66
N ILE A 195 3.91 -20.42 23.66
CA ILE A 195 2.60 -19.81 23.46
C ILE A 195 1.67 -20.92 23.02
N VAL A 196 0.43 -20.87 23.48
CA VAL A 196 -0.53 -21.92 23.19
C VAL A 196 -1.85 -21.27 22.85
N GLU A 197 -2.48 -21.77 21.79
CA GLU A 197 -3.71 -21.19 21.27
C GLU A 197 -4.90 -21.91 21.87
N LYS A 198 -5.75 -21.18 22.58
CA LYS A 198 -7.04 -21.66 23.06
C LYS A 198 -6.95 -22.97 23.86
N PRO A 199 -6.14 -23.01 24.91
CA PRO A 199 -6.05 -24.23 25.72
C PRO A 199 -7.34 -24.45 26.50
N ALA A 200 -7.54 -25.71 26.86
CA ALA A 200 -8.55 -26.04 27.85
C ALA A 200 -8.24 -25.33 29.17
N PRO A 201 -9.24 -24.79 29.85
CA PRO A 201 -8.95 -24.05 31.09
C PRO A 201 -8.20 -24.86 32.12
N GLU A 202 -8.53 -26.15 32.27
CA GLU A 202 -7.84 -27.01 33.22
C GLU A 202 -6.39 -27.29 32.80
N GLN A 203 -6.05 -27.05 31.54
CA GLN A 203 -4.71 -27.34 31.03
C GLN A 203 -3.97 -26.09 30.58
N ALA A 204 -4.52 -24.90 30.82
CA ALA A 204 -3.87 -23.69 30.33
C ALA A 204 -2.58 -23.48 31.14
N PRO A 205 -1.45 -23.22 30.48
CA PRO A 205 -0.20 -23.08 31.26
C PRO A 205 -0.22 -21.92 32.23
N THR A 206 -0.95 -20.87 31.89
CA THR A 206 -1.08 -19.67 32.68
C THR A 206 -2.43 -19.09 32.33
N THR A 207 -2.72 -17.91 32.90
CA THR A 207 -3.90 -17.16 32.50
C THR A 207 -3.49 -15.82 31.90
N LEU A 208 -2.29 -15.76 31.31
CA LEU A 208 -1.78 -14.54 30.70
C LEU A 208 -2.09 -14.60 29.20
N ALA A 209 -2.99 -13.74 28.75
CA ALA A 209 -3.53 -13.77 27.40
C ALA A 209 -2.95 -12.63 26.58
N VAL A 210 -2.69 -12.95 25.30
CA VAL A 210 -2.27 -11.97 24.30
C VAL A 210 -3.47 -11.09 23.96
N VAL A 211 -3.27 -9.78 23.92
CA VAL A 211 -4.29 -8.87 23.41
C VAL A 211 -3.80 -8.39 22.04
N GLY A 212 -4.70 -7.75 21.30
CA GLY A 212 -4.41 -7.33 19.93
C GLY A 212 -3.54 -6.10 19.76
N ARG A 213 -2.34 -6.15 20.34
CA ARG A 213 -1.34 -5.10 20.21
C ARG A 213 -0.01 -5.82 20.15
N TYR A 214 0.71 -5.61 19.05
CA TYR A 214 1.99 -6.27 18.85
C TYR A 214 3.00 -5.28 18.30
N VAL A 215 4.25 -5.52 18.67
CA VAL A 215 5.40 -4.94 18.03
C VAL A 215 6.26 -6.11 17.63
N LEU A 216 6.47 -6.29 16.33
CA LEU A 216 7.10 -7.49 15.81
C LEU A 216 8.29 -7.11 14.94
N GLU A 217 9.37 -7.87 15.09
CA GLU A 217 10.50 -7.73 14.20
C GLU A 217 10.13 -8.32 12.84
N ALA A 218 10.72 -7.77 11.78
CA ALA A 218 10.37 -8.22 10.46
C ALA A 218 10.73 -9.68 10.24
N ALA A 219 11.58 -10.27 11.07
CA ALA A 219 11.88 -11.69 10.95
C ALA A 219 10.62 -12.57 11.06
N ILE A 220 9.52 -12.03 11.58
CA ILE A 220 8.28 -12.80 11.67
C ILE A 220 7.78 -13.23 10.29
N PHE A 221 8.04 -12.43 9.25
CA PHE A 221 7.44 -12.71 7.93
C PHE A 221 7.90 -14.07 7.41
N ASP A 222 9.20 -14.35 7.56
CA ASP A 222 9.70 -15.64 7.09
C ASP A 222 9.03 -16.81 7.80
N HIS A 223 8.67 -16.66 9.09
CA HIS A 223 8.02 -17.74 9.81
C HIS A 223 6.55 -17.91 9.43
N LEU A 224 5.89 -16.85 8.98
CA LEU A 224 4.52 -16.97 8.49
C LEU A 224 4.43 -17.52 7.05
N ARG A 225 5.52 -17.46 6.30
CA ARG A 225 5.52 -18.07 4.97
C ARG A 225 5.58 -19.60 5.05
N ALA A 226 6.23 -20.14 6.08
CA ALA A 226 6.23 -21.59 6.27
C ALA A 226 4.89 -22.11 6.77
N THR A 227 4.13 -21.29 7.50
CA THR A 227 2.91 -21.74 8.17
C THR A 227 1.84 -22.18 7.19
N THR A 228 1.11 -23.22 7.56
CA THR A 228 0.02 -23.78 6.76
C THR A 228 -1.36 -23.30 7.25
N GLU A 234 -6.17 -21.92 7.97
CA GLU A 234 -5.85 -20.61 8.53
C GLU A 234 -4.43 -20.51 9.08
N ILE A 235 -3.61 -19.63 8.50
CA ILE A 235 -2.30 -19.36 9.08
C ILE A 235 -2.47 -18.54 10.35
N GLN A 236 -1.98 -19.07 11.46
CA GLN A 236 -2.15 -18.40 12.73
C GLN A 236 -0.91 -17.57 13.07
N LEU A 237 -1.15 -16.33 13.46
CA LEU A 237 -0.05 -15.50 13.92
C LEU A 237 0.65 -16.16 15.10
N THR A 238 -0.13 -16.82 15.98
CA THR A 238 0.46 -17.51 17.13
C THR A 238 1.50 -18.52 16.69
N ASP A 239 1.26 -19.20 15.56
CA ASP A 239 2.25 -20.11 15.02
C ASP A 239 3.52 -19.39 14.60
N GLY A 240 3.38 -18.24 13.94
CA GLY A 240 4.55 -17.49 13.57
C GLY A 240 5.36 -17.05 14.78
N ILE A 241 4.68 -16.58 15.81
CA ILE A 241 5.38 -16.12 17.00
C ILE A 241 6.08 -17.28 17.68
N ALA A 242 5.40 -18.42 17.80
CA ALA A 242 6.03 -19.60 18.39
C ALA A 242 7.30 -19.95 17.64
N ALA A 243 7.26 -19.88 16.30
CA ALA A 243 8.45 -20.18 15.52
C ALA A 243 9.51 -19.12 15.71
N LEU A 244 9.10 -17.86 15.80
CA LEU A 244 10.04 -16.78 16.02
C LEU A 244 10.80 -16.95 17.33
N LEU A 245 10.15 -17.50 18.36
CA LEU A 245 10.78 -17.71 19.66
C LEU A 245 12.08 -18.51 19.55
N ARG A 246 12.20 -19.38 18.57
CA ARG A 246 13.41 -20.17 18.43
C ARG A 246 14.60 -19.37 17.88
N GLU A 247 14.36 -18.24 17.24
CA GLU A 247 15.40 -17.45 16.59
C GLU A 247 15.67 -16.12 17.27
N ARG A 248 14.65 -15.49 17.84
CA ARG A 248 14.75 -14.13 18.34
C ARG A 248 14.06 -14.04 19.69
N ASP A 249 14.36 -12.97 20.41
CA ASP A 249 13.74 -12.69 21.69
C ASP A 249 12.34 -12.13 21.53
N VAL A 250 11.40 -12.68 22.28
CA VAL A 250 10.03 -12.19 22.30
C VAL A 250 9.62 -11.93 23.75
N TYR A 251 9.09 -10.73 24.01
CA TYR A 251 8.66 -10.30 25.33
C TYR A 251 7.15 -10.08 25.33
N ALA A 252 6.56 -10.10 26.51
CA ALA A 252 5.17 -9.77 26.72
C ALA A 252 5.13 -8.66 27.75
N HIS A 253 4.22 -7.71 27.58
CA HIS A 253 4.18 -6.57 28.48
C HIS A 253 2.77 -6.36 28.99
N ARG A 254 2.66 -6.33 30.33
CA ARG A 254 1.43 -6.07 31.06
C ARG A 254 1.20 -4.57 30.98
N TYR A 255 0.48 -4.15 29.95
CA TYR A 255 0.29 -2.72 29.72
C TYR A 255 -0.65 -2.15 30.77
N ASP A 256 -0.55 -0.85 30.96
CA ASP A 256 -1.51 -0.11 31.76
C ASP A 256 -2.63 0.38 30.86
N GLY A 257 -3.84 -0.01 31.19
CA GLY A 257 -4.97 0.36 30.37
C GLY A 257 -6.07 -0.67 30.49
N LYS A 258 -7.25 -0.27 30.05
CA LYS A 258 -8.47 -1.06 30.10
C LYS A 258 -8.85 -1.48 28.68
N ARG A 259 -8.87 -2.78 28.44
CA ARG A 259 -9.23 -3.35 27.15
C ARG A 259 -10.70 -3.78 27.16
N TYR A 260 -11.43 -3.38 26.15
CA TYR A 260 -12.76 -3.89 25.87
C TYR A 260 -12.70 -4.81 24.65
N ASP A 261 -13.07 -6.07 24.82
CA ASP A 261 -13.06 -7.05 23.73
C ASP A 261 -14.38 -6.91 23.00
N CYS A 262 -14.36 -6.20 21.89
CA CYS A 262 -15.57 -5.94 21.14
C CYS A 262 -15.89 -7.03 20.13
N GLY A 263 -15.20 -8.16 20.21
CA GLY A 263 -15.45 -9.29 19.35
C GLY A 263 -16.77 -10.00 19.56
N SER A 264 -17.47 -9.73 20.66
CA SER A 264 -18.80 -10.26 20.89
C SER A 264 -19.78 -9.10 20.97
N LYS A 265 -21.05 -9.39 20.71
CA LYS A 265 -22.04 -8.31 20.88
C LYS A 265 -22.06 -7.84 22.32
N ALA A 266 -21.95 -8.78 23.27
CA ALA A 266 -21.93 -8.38 24.67
C ALA A 266 -20.73 -7.50 24.97
N GLY A 267 -19.56 -7.88 24.46
CA GLY A 267 -18.38 -7.08 24.76
C GLY A 267 -18.48 -5.69 24.17
N MET A 268 -18.98 -5.61 22.94
CA MET A 268 -19.13 -4.33 22.26
C MET A 268 -20.16 -3.46 22.96
N PHE A 269 -21.26 -4.07 23.40
CA PHE A 269 -22.28 -3.37 24.16
C PHE A 269 -21.69 -2.74 25.42
N GLN A 270 -20.87 -3.49 26.15
N GLN A 270 -20.87 -3.50 26.14
CA GLN A 270 -20.35 -2.93 27.39
CA GLN A 270 -20.33 -2.95 27.39
C GLN A 270 -19.32 -1.85 27.12
C GLN A 270 -19.34 -1.84 27.10
N ALA A 271 -18.61 -1.92 26.00
CA ALA A 271 -17.75 -0.81 25.58
C ALA A 271 -18.58 0.44 25.33
N THR A 272 -19.72 0.30 24.67
CA THR A 272 -20.58 1.44 24.42
C THR A 272 -21.07 2.05 25.73
N VAL A 273 -21.52 1.19 26.64
CA VAL A 273 -22.00 1.66 27.93
C VAL A 273 -20.87 2.38 28.66
N ALA A 274 -19.72 1.73 28.76
CA ALA A 274 -18.63 2.26 29.58
C ALA A 274 -18.06 3.53 28.99
N LEU A 275 -17.76 3.51 27.69
CA LEU A 275 -17.20 4.72 27.09
C LEU A 275 -18.28 5.76 26.90
N GLY A 276 -19.51 5.33 26.66
CA GLY A 276 -20.60 6.30 26.66
C GLY A 276 -20.70 7.05 27.96
N ARG A 277 -20.52 6.35 29.08
CA ARG A 277 -20.58 7.04 30.38
C ARG A 277 -19.40 7.98 30.54
N LYS A 278 -18.20 7.46 30.33
CA LYS A 278 -16.99 8.20 30.69
C LYS A 278 -16.77 9.40 29.78
N TYR A 279 -16.97 9.24 28.47
CA TYR A 279 -16.62 10.31 27.52
C TYR A 279 -17.81 11.07 26.97
N HIS A 280 -19.03 10.65 27.27
CA HIS A 280 -20.21 11.33 26.74
C HIS A 280 -21.29 11.57 27.78
N GLY A 281 -21.10 11.14 29.02
CA GLY A 281 -22.11 11.38 30.04
C GLY A 281 -23.40 10.64 29.84
N LEU A 282 -23.41 9.53 29.10
CA LEU A 282 -24.61 8.76 28.82
C LEU A 282 -24.82 7.69 29.88
N ILE A 283 -26.04 7.57 30.39
CA ILE A 283 -26.37 6.64 31.47
C ILE A 283 -27.59 5.82 31.08
N PRO A 284 -27.55 4.49 31.18
CA PRO A 284 -28.75 3.71 30.87
C PRO A 284 -29.88 4.08 31.79
N GLU A 285 -31.08 4.19 31.25
CA GLU A 285 -32.24 4.30 32.10
C GLU A 285 -32.42 2.92 32.73
N HIS B 7 24.84 -4.71 -5.32
CA HIS B 7 23.62 -5.52 -5.64
C HIS B 7 22.38 -4.64 -5.83
N HIS B 8 22.04 -4.39 -7.10
CA HIS B 8 20.77 -3.81 -7.48
C HIS B 8 19.75 -4.92 -7.69
N VAL B 9 18.65 -4.87 -6.98
CA VAL B 9 17.49 -5.69 -7.30
C VAL B 9 16.32 -4.74 -7.37
N VAL B 10 15.62 -4.76 -8.51
CA VAL B 10 14.46 -3.92 -8.71
C VAL B 10 13.26 -4.84 -8.73
N ARG B 11 12.46 -4.79 -7.69
CA ARG B 11 11.28 -5.62 -7.62
C ARG B 11 10.02 -4.81 -7.42
N LYS B 12 10.11 -3.51 -7.20
CA LYS B 12 8.96 -2.63 -7.01
C LYS B 12 8.77 -1.67 -8.18
N ALA B 13 7.52 -1.45 -8.58
CA ALA B 13 7.21 -0.47 -9.61
C ALA B 13 6.02 0.40 -9.21
N VAL B 14 6.12 1.68 -9.52
CA VAL B 14 5.13 2.69 -9.17
C VAL B 14 4.40 3.12 -10.45
N PHE B 15 3.07 3.08 -10.41
CA PHE B 15 2.23 3.50 -11.53
C PHE B 15 1.36 4.66 -11.12
N PRO B 16 1.64 5.89 -11.57
CA PRO B 16 0.68 6.97 -11.31
C PRO B 16 -0.56 6.78 -12.16
N VAL B 17 -1.69 6.62 -11.50
CA VAL B 17 -2.93 6.27 -12.20
C VAL B 17 -4.03 7.22 -11.80
N ALA B 18 -3.68 8.47 -11.58
CA ALA B 18 -4.67 9.49 -11.29
C ALA B 18 -4.86 10.46 -12.46
N GLY B 19 -4.51 10.06 -13.70
CA GLY B 19 -4.59 10.98 -14.79
C GLY B 19 -5.97 11.59 -15.02
N MET B 20 -6.04 12.91 -15.06
CA MET B 20 -7.32 13.58 -15.31
C MET B 20 -7.82 13.34 -16.74
N GLY B 21 -6.92 13.25 -17.71
CA GLY B 21 -7.31 12.98 -19.08
C GLY B 21 -8.38 13.95 -19.53
N THR B 22 -8.16 15.24 -19.31
CA THR B 22 -9.17 16.23 -19.69
C THR B 22 -9.45 16.16 -21.19
N ARG B 23 -8.41 15.86 -21.98
CA ARG B 23 -8.59 15.73 -23.41
C ARG B 23 -9.52 14.58 -23.75
N PHE B 24 -9.74 13.67 -22.81
CA PHE B 24 -10.59 12.49 -23.02
C PHE B 24 -11.89 12.56 -22.24
N LEU B 25 -12.22 13.71 -21.65
CA LEU B 25 -13.55 13.89 -21.10
C LEU B 25 -14.57 13.83 -22.24
N PRO B 26 -15.77 13.26 -22.01
CA PRO B 26 -16.32 12.75 -20.74
C PRO B 26 -15.96 11.33 -20.34
N ALA B 27 -15.20 10.61 -21.17
CA ALA B 27 -14.94 9.21 -20.87
C ALA B 27 -14.19 9.05 -19.57
N THR B 28 -13.39 10.03 -19.20
CA THR B 28 -12.63 10.00 -17.95
C THR B 28 -13.40 10.64 -16.80
N LYS B 29 -14.71 10.89 -16.95
CA LYS B 29 -15.45 11.42 -15.80
C LYS B 29 -15.37 10.47 -14.61
N ALA B 30 -15.54 9.17 -14.85
CA ALA B 30 -15.65 8.18 -13.79
C ALA B 30 -14.50 7.16 -13.80
N MET B 31 -13.50 7.33 -14.65
CA MET B 31 -12.32 6.48 -14.57
C MET B 31 -11.12 7.35 -14.90
N PRO B 32 -9.96 7.06 -14.32
CA PRO B 32 -8.76 7.80 -14.70
C PRO B 32 -8.33 7.43 -16.12
N LYS B 33 -7.51 8.32 -16.69
CA LYS B 33 -7.09 8.16 -18.08
C LYS B 33 -6.46 6.80 -18.31
N GLU B 34 -5.67 6.32 -17.34
CA GLU B 34 -4.95 5.07 -17.51
C GLU B 34 -5.86 3.85 -17.51
N MET B 35 -7.14 4.00 -17.22
CA MET B 35 -8.08 2.90 -17.39
C MET B 35 -8.79 2.89 -18.73
N LEU B 36 -8.57 3.85 -19.59
CA LEU B 36 -9.15 3.73 -20.92
C LEU B 36 -8.52 2.56 -21.67
N PRO B 37 -9.31 1.77 -22.38
CA PRO B 37 -8.76 0.64 -23.11
C PRO B 37 -8.21 1.00 -24.49
N VAL B 38 -7.24 0.18 -24.88
CA VAL B 38 -6.80 0.09 -26.27
C VAL B 38 -7.27 -1.28 -26.72
N VAL B 39 -8.32 -1.28 -27.54
CA VAL B 39 -9.09 -2.45 -27.97
C VAL B 39 -9.83 -3.07 -26.79
N ASP B 40 -9.22 -4.03 -26.11
CA ASP B 40 -9.88 -4.76 -25.04
C ASP B 40 -9.11 -4.69 -23.72
N LYS B 41 -8.20 -3.73 -23.57
CA LYS B 41 -7.26 -3.76 -22.43
C LYS B 41 -6.93 -2.35 -21.94
N PRO B 42 -7.10 -2.07 -20.64
CA PRO B 42 -6.77 -0.72 -20.14
C PRO B 42 -5.30 -0.43 -20.35
N LEU B 43 -5.00 0.84 -20.67
CA LEU B 43 -3.61 1.27 -20.76
C LEU B 43 -2.77 0.74 -19.61
N ILE B 44 -3.26 0.87 -18.37
CA ILE B 44 -2.46 0.49 -17.21
C ILE B 44 -2.11 -0.99 -17.25
N GLN B 45 -3.00 -1.82 -17.76
CA GLN B 45 -2.68 -3.24 -17.79
C GLN B 45 -1.52 -3.56 -18.77
N TYR B 46 -1.39 -2.84 -19.90
CA TYR B 46 -0.20 -3.04 -20.73
C TYR B 46 1.05 -2.75 -19.92
N ALA B 47 1.04 -1.66 -19.18
CA ALA B 47 2.23 -1.29 -18.42
C ALA B 47 2.48 -2.28 -17.27
N VAL B 48 1.43 -2.74 -16.60
CA VAL B 48 1.65 -3.73 -15.55
C VAL B 48 2.21 -5.01 -16.16
N GLU B 49 1.69 -5.42 -17.32
CA GLU B 49 2.19 -6.66 -17.93
C GLU B 49 3.66 -6.53 -18.28
N GLU B 50 4.07 -5.36 -18.76
CA GLU B 50 5.49 -5.11 -19.02
C GLU B 50 6.31 -5.21 -17.73
N ALA B 51 5.86 -4.56 -16.67
CA ALA B 51 6.59 -4.61 -15.42
C ALA B 51 6.71 -6.04 -14.90
N VAL B 52 5.61 -6.80 -14.96
CA VAL B 52 5.67 -8.17 -14.48
C VAL B 52 6.61 -9.00 -15.35
N ALA B 53 6.58 -8.80 -16.65
CA ALA B 53 7.50 -9.53 -17.52
C ALA B 53 8.95 -9.21 -17.23
N ALA B 54 9.23 -8.03 -16.66
CA ALA B 54 10.57 -7.61 -16.30
C ALA B 54 10.98 -8.00 -14.88
N GLY B 55 10.20 -8.83 -14.20
CA GLY B 55 10.57 -9.26 -12.88
C GLY B 55 9.98 -8.47 -11.73
N ILE B 56 9.10 -7.51 -11.99
CA ILE B 56 8.48 -6.80 -10.89
C ILE B 56 7.50 -7.72 -10.20
N THR B 57 7.54 -7.71 -8.87
CA THR B 57 6.59 -8.45 -8.05
C THR B 57 5.72 -7.56 -7.18
N ASP B 58 6.13 -6.32 -6.90
CA ASP B 58 5.39 -5.39 -6.05
C ASP B 58 4.91 -4.20 -6.87
N LEU B 59 3.60 -4.12 -7.08
CA LEU B 59 2.99 -3.02 -7.82
C LEU B 59 2.44 -2.00 -6.83
N ILE B 60 2.69 -0.72 -7.11
CA ILE B 60 2.29 0.40 -6.26
C ILE B 60 1.51 1.37 -7.14
N PHE B 61 0.21 1.50 -6.88
CA PHE B 61 -0.68 2.34 -7.65
C PHE B 61 -0.93 3.62 -6.87
N VAL B 62 -0.60 4.75 -7.47
CA VAL B 62 -0.85 6.04 -6.87
C VAL B 62 -2.12 6.56 -7.50
N THR B 63 -3.16 6.65 -6.70
CA THR B 63 -4.52 6.89 -7.17
C THR B 63 -4.97 8.31 -6.89
N GLY B 64 -6.05 8.70 -7.56
CA GLY B 64 -6.68 9.98 -7.32
C GLY B 64 -8.17 9.79 -7.29
N ARG B 65 -8.90 10.60 -8.02
CA ARG B 65 -10.32 10.32 -8.04
C ARG B 65 -10.62 9.13 -8.96
N ASN B 66 -11.76 8.51 -8.71
CA ASN B 66 -12.11 7.29 -9.41
C ASN B 66 -11.08 6.20 -9.13
N LYS B 67 -10.54 6.22 -7.91
CA LYS B 67 -9.60 5.19 -7.49
C LYS B 67 -10.17 3.77 -7.64
N ARG B 68 -11.49 3.62 -7.53
CA ARG B 68 -12.00 2.26 -7.52
CA ARG B 68 -12.09 2.29 -7.53
C ARG B 68 -12.03 1.62 -8.89
N ALA B 69 -11.99 2.40 -9.98
CA ALA B 69 -11.84 1.77 -11.29
C ALA B 69 -10.53 1.00 -11.36
N ILE B 70 -9.46 1.59 -10.81
CA ILE B 70 -8.18 0.89 -10.77
C ILE B 70 -8.23 -0.29 -9.80
N GLU B 71 -8.72 -0.05 -8.58
CA GLU B 71 -8.73 -1.11 -7.58
C GLU B 71 -9.56 -2.28 -8.05
N ASP B 72 -10.75 -2.00 -8.61
CA ASP B 72 -11.62 -3.11 -8.99
C ASP B 72 -11.09 -3.82 -10.22
N HIS B 73 -10.24 -3.17 -10.99
CA HIS B 73 -9.63 -3.85 -12.10
C HIS B 73 -8.58 -4.85 -11.63
N PHE B 74 -7.73 -4.48 -10.67
CA PHE B 74 -6.63 -5.37 -10.30
C PHE B 74 -6.97 -6.29 -9.12
N ASP B 75 -7.90 -5.92 -8.23
CA ASP B 75 -8.29 -6.83 -7.15
C ASP B 75 -9.11 -7.99 -7.69
N ALA B 76 -8.97 -9.13 -7.04
CA ALA B 76 -9.74 -10.31 -7.43
C ALA B 76 -11.24 -10.01 -7.37
N ALA B 77 -12.00 -10.65 -8.26
CA ALA B 77 -13.45 -10.52 -8.26
C ALA B 77 -14.00 -11.93 -8.21
N PRO B 78 -14.17 -12.48 -7.02
CA PRO B 78 -14.62 -13.87 -6.91
C PRO B 78 -15.90 -14.14 -7.65
N GLU B 79 -16.83 -13.19 -7.63
CA GLU B 79 -18.12 -13.41 -8.27
C GLU B 79 -17.93 -13.69 -9.77
N LEU B 80 -17.12 -12.87 -10.44
CA LEU B 80 -16.87 -13.10 -11.87
C LEU B 80 -16.17 -14.43 -12.11
N GLU B 81 -15.17 -14.74 -11.29
CA GLU B 81 -14.45 -15.99 -11.46
C GLU B 81 -15.37 -17.18 -11.19
N THR B 82 -16.21 -17.10 -10.15
CA THR B 82 -17.13 -18.19 -9.85
C THR B 82 -18.12 -18.40 -10.99
N ASP B 83 -18.64 -17.30 -11.55
CA ASP B 83 -19.57 -17.42 -12.66
C ASP B 83 -18.90 -17.99 -13.90
N LEU B 84 -17.71 -17.53 -14.23
CA LEU B 84 -17.04 -18.02 -15.44
C LEU B 84 -16.68 -19.50 -15.31
N GLU B 85 -16.28 -19.90 -14.10
CA GLU B 85 -16.02 -21.32 -13.86
C GLU B 85 -17.26 -22.14 -14.14
N ALA B 86 -18.39 -21.73 -13.56
CA ALA B 86 -19.64 -22.46 -13.78
C ALA B 86 -19.92 -22.63 -15.27
N LYS B 87 -19.92 -21.53 -16.01
CA LYS B 87 -20.16 -21.58 -17.45
C LYS B 87 -19.05 -22.28 -18.21
N GLY B 88 -18.04 -22.81 -17.53
CA GLY B 88 -16.95 -23.50 -18.20
C GLY B 88 -16.15 -22.66 -19.17
N LYS B 89 -15.98 -21.38 -18.87
CA LYS B 89 -15.20 -20.49 -19.74
C LYS B 89 -13.78 -20.37 -19.20
N HIS B 90 -13.03 -21.46 -19.34
CA HIS B 90 -11.77 -21.55 -18.61
C HIS B 90 -10.70 -20.65 -19.20
N GLU B 91 -10.73 -20.41 -20.51
CA GLU B 91 -9.76 -19.50 -21.08
C GLU B 91 -10.02 -18.08 -20.59
N LEU B 92 -11.30 -17.70 -20.50
CA LEU B 92 -11.65 -16.40 -19.94
C LEU B 92 -11.26 -16.31 -18.46
N LEU B 93 -11.54 -17.36 -17.71
CA LEU B 93 -11.17 -17.34 -16.30
C LEU B 93 -9.68 -17.11 -16.15
N ALA B 94 -8.89 -17.78 -16.98
CA ALA B 94 -7.44 -17.62 -16.89
C ALA B 94 -7.02 -16.19 -17.21
N LEU B 95 -7.68 -15.58 -18.19
CA LEU B 95 -7.40 -14.21 -18.54
C LEU B 95 -7.66 -13.28 -17.36
N VAL B 96 -8.84 -13.41 -16.75
CA VAL B 96 -9.19 -12.58 -15.61
C VAL B 96 -8.17 -12.79 -14.47
N ARG B 97 -7.74 -14.03 -14.25
CA ARG B 97 -6.81 -14.28 -13.16
C ARG B 97 -5.42 -13.77 -13.48
N ASP B 98 -5.05 -13.67 -14.76
CA ASP B 98 -3.73 -13.13 -15.07
C ASP B 98 -3.65 -11.61 -14.96
N ILE B 99 -4.77 -10.92 -14.76
CA ILE B 99 -4.67 -9.48 -14.60
C ILE B 99 -3.71 -9.15 -13.47
N LEU B 100 -3.73 -9.94 -12.39
CA LEU B 100 -2.80 -9.86 -11.27
C LEU B 100 -2.28 -11.27 -11.02
N PRO B 101 -1.15 -11.65 -11.61
CA PRO B 101 -0.60 -13.00 -11.39
C PRO B 101 -0.35 -13.31 -9.92
N ALA B 102 -0.31 -14.62 -9.61
CA ALA B 102 -0.25 -15.08 -8.23
C ALA B 102 1.02 -14.65 -7.51
N HIS B 103 2.14 -14.55 -8.22
CA HIS B 103 3.41 -14.18 -7.58
C HIS B 103 3.58 -12.67 -7.42
N VAL B 104 2.54 -11.89 -7.71
CA VAL B 104 2.58 -10.43 -7.74
C VAL B 104 1.56 -9.89 -6.75
N ASN B 105 1.92 -8.81 -6.07
CA ASN B 105 1.04 -8.12 -5.13
C ASN B 105 0.90 -6.68 -5.56
N CYS B 106 -0.17 -6.07 -5.09
CA CYS B 106 -0.40 -4.64 -5.39
C CYS B 106 -0.84 -3.90 -4.13
N LEU B 107 -0.50 -2.63 -4.04
CA LEU B 107 -1.01 -1.79 -2.98
C LEU B 107 -1.40 -0.45 -3.57
N TYR B 108 -2.25 0.26 -2.83
CA TYR B 108 -2.84 1.49 -3.29
C TYR B 108 -2.52 2.62 -2.34
N ILE B 109 -2.09 3.74 -2.90
CA ILE B 109 -1.81 4.96 -2.16
C ILE B 109 -2.48 6.14 -2.84
N ARG B 110 -3.11 7.01 -2.06
CA ARG B 110 -3.76 8.21 -2.59
C ARG B 110 -2.78 9.37 -2.64
N GLN B 111 -2.65 9.99 -3.78
CA GLN B 111 -1.93 11.25 -3.82
C GLN B 111 -2.79 12.34 -3.16
N SER B 112 -2.15 13.25 -2.45
CA SER B 112 -2.92 14.26 -1.71
C SER B 112 -3.64 15.23 -2.64
N ALA B 113 -3.03 15.55 -3.78
CA ALA B 113 -3.58 16.51 -4.74
C ALA B 113 -2.85 16.31 -6.05
N PRO B 114 -3.42 16.79 -7.18
CA PRO B 114 -2.73 16.68 -8.49
C PRO B 114 -1.61 17.71 -8.62
N LEU B 115 -0.46 17.31 -8.08
CA LEU B 115 0.72 18.15 -8.03
C LEU B 115 1.83 17.68 -8.97
N GLY B 116 1.51 16.80 -9.91
CA GLY B 116 2.48 16.38 -10.92
C GLY B 116 3.14 15.05 -10.58
N LEU B 117 3.95 14.61 -11.54
CA LEU B 117 4.57 13.29 -11.48
C LEU B 117 5.55 13.18 -10.32
N GLY B 118 6.29 14.24 -10.05
CA GLY B 118 7.24 14.21 -8.96
C GLY B 118 6.56 14.00 -7.63
N HIS B 119 5.41 14.66 -7.43
CA HIS B 119 4.61 14.45 -6.23
C HIS B 119 4.05 13.04 -6.20
N ALA B 120 3.60 12.53 -7.36
CA ALA B 120 3.08 11.17 -7.40
C ALA B 120 4.15 10.17 -7.02
N VAL B 121 5.37 10.38 -7.51
CA VAL B 121 6.45 9.46 -7.18
C VAL B 121 6.77 9.54 -5.68
N LEU B 122 6.89 10.75 -5.14
CA LEU B 122 7.15 10.91 -3.71
C LEU B 122 6.06 10.28 -2.85
N THR B 123 4.79 10.32 -3.29
CA THR B 123 3.70 9.67 -2.57
C THR B 123 3.98 8.19 -2.31
N ALA B 124 4.78 7.57 -3.14
CA ALA B 124 5.06 6.15 -3.04
C ALA B 124 6.18 5.81 -2.05
N ALA B 125 6.91 6.80 -1.54
CA ALA B 125 8.04 6.51 -0.67
C ALA B 125 7.71 5.55 0.49
N PRO B 126 6.59 5.65 1.19
CA PRO B 126 6.35 4.70 2.30
C PRO B 126 6.28 3.24 1.84
N ALA B 127 5.94 2.98 0.58
CA ALA B 127 5.90 1.60 0.07
C ALA B 127 7.24 1.15 -0.50
N VAL B 128 8.07 2.07 -0.96
CA VAL B 128 9.33 1.70 -1.60
C VAL B 128 10.43 1.52 -0.56
N GLY B 129 10.47 2.34 0.48
CA GLY B 129 11.59 2.21 1.40
C GLY B 129 12.88 2.70 0.74
N ASN B 130 13.97 2.06 1.13
CA ASN B 130 15.31 2.37 0.60
C ASN B 130 15.71 1.34 -0.46
N GLU B 131 14.87 1.19 -1.47
CA GLU B 131 15.13 0.26 -2.56
C GLU B 131 15.03 1.01 -3.87
N PRO B 132 15.80 0.60 -4.89
CA PRO B 132 15.57 1.14 -6.22
C PRO B 132 14.22 0.64 -6.72
N PHE B 133 13.55 1.47 -7.52
CA PHE B 133 12.20 1.18 -7.96
C PHE B 133 11.98 1.69 -9.38
N ALA B 134 10.98 1.13 -10.04
CA ALA B 134 10.61 1.53 -11.38
C ALA B 134 9.43 2.47 -11.32
N VAL B 135 9.32 3.32 -12.34
CA VAL B 135 8.16 4.16 -12.60
C VAL B 135 7.69 3.96 -14.03
N LEU B 136 6.40 3.69 -14.22
CA LEU B 136 5.83 3.49 -15.55
C LEU B 136 4.60 4.38 -15.72
N LEU B 137 4.59 5.16 -16.79
CA LEU B 137 3.48 6.03 -17.14
C LEU B 137 2.68 5.32 -18.22
N ALA B 138 1.47 4.89 -17.86
CA ALA B 138 0.74 4.00 -18.76
C ALA B 138 0.37 4.69 -20.07
N ASP B 139 0.34 6.03 -20.09
CA ASP B 139 0.05 6.78 -21.30
C ASP B 139 1.08 6.52 -22.41
N ASP B 140 2.30 6.16 -22.02
CA ASP B 140 3.30 5.70 -22.96
C ASP B 140 3.11 4.20 -23.12
N LEU B 141 2.36 3.82 -24.15
CA LEU B 141 2.13 2.42 -24.41
C LEU B 141 3.26 1.96 -25.32
N ILE B 142 4.03 0.98 -24.87
CA ILE B 142 5.21 0.55 -25.59
C ILE B 142 5.06 -0.91 -25.97
N ASP B 143 5.17 -1.19 -27.25
CA ASP B 143 5.08 -2.53 -27.81
C ASP B 143 6.49 -2.94 -28.21
N ALA B 144 7.04 -3.97 -27.56
CA ALA B 144 8.45 -4.29 -27.70
C ALA B 144 8.67 -5.80 -27.62
N ASP B 145 9.68 -6.28 -28.34
CA ASP B 145 9.99 -7.71 -28.29
C ASP B 145 10.51 -8.09 -26.92
N THR B 146 11.32 -7.23 -26.31
CA THR B 146 11.80 -7.41 -24.95
CA THR B 146 11.79 -7.41 -24.95
C THR B 146 11.22 -6.30 -24.09
N PRO B 147 10.64 -6.60 -22.93
CA PRO B 147 10.01 -5.54 -22.14
C PRO B 147 10.97 -4.39 -21.90
N VAL B 148 10.50 -3.18 -22.18
CA VAL B 148 11.40 -2.04 -22.09
C VAL B 148 11.90 -1.87 -20.66
N LEU B 149 11.03 -2.08 -19.66
CA LEU B 149 11.48 -1.98 -18.28
C LEU B 149 12.60 -2.98 -18.01
N LYS B 150 12.52 -4.17 -18.62
CA LYS B 150 13.62 -5.12 -18.46
C LYS B 150 14.92 -4.56 -19.04
N GLN B 151 14.83 -3.93 -20.23
CA GLN B 151 16.03 -3.33 -20.80
C GLN B 151 16.63 -2.30 -19.84
N LEU B 152 15.78 -1.45 -19.24
CA LEU B 152 16.26 -0.41 -18.33
C LEU B 152 16.84 -0.99 -17.03
N ILE B 153 16.17 -2.01 -16.47
CA ILE B 153 16.63 -2.63 -15.22
C ILE B 153 18.01 -3.26 -15.41
N ASP B 154 18.22 -3.97 -16.53
CA ASP B 154 19.52 -4.60 -16.74
C ASP B 154 20.64 -3.57 -16.83
N VAL B 155 20.39 -2.41 -17.45
CA VAL B 155 21.39 -1.34 -17.40
C VAL B 155 21.58 -0.84 -15.98
N ALA B 156 20.48 -0.66 -15.25
CA ALA B 156 20.56 -0.12 -13.90
C ALA B 156 21.40 -1.01 -13.01
N VAL B 157 21.18 -2.33 -13.10
CA VAL B 157 21.96 -3.29 -12.33
C VAL B 157 23.42 -3.28 -12.77
N ALA B 158 23.68 -3.28 -14.07
CA ALA B 158 25.07 -3.39 -14.53
C ALA B 158 25.90 -2.16 -14.20
N ARG B 159 25.34 -0.97 -14.38
CA ARG B 159 26.08 0.27 -14.21
C ARG B 159 25.87 0.92 -12.85
N GLN B 160 25.01 0.35 -11.99
CA GLN B 160 24.78 0.84 -10.63
C GLN B 160 24.35 2.32 -10.64
N GLY B 161 23.17 2.56 -11.18
CA GLY B 161 22.64 3.91 -11.17
C GLY B 161 21.20 3.94 -11.62
N SER B 162 20.61 5.12 -11.58
CA SER B 162 19.27 5.30 -12.11
C SER B 162 19.31 5.27 -13.64
N VAL B 163 18.19 4.93 -14.26
CA VAL B 163 18.12 4.85 -15.73
C VAL B 163 16.82 5.45 -16.23
N LEU B 164 16.92 6.38 -17.16
CA LEU B 164 15.78 6.94 -17.87
C LEU B 164 15.66 6.30 -19.24
N GLY B 165 14.47 5.81 -19.59
CA GLY B 165 14.25 5.41 -20.97
C GLY B 165 14.16 6.65 -21.86
N VAL B 166 14.87 6.61 -23.00
CA VAL B 166 14.87 7.75 -23.91
C VAL B 166 14.66 7.25 -25.33
N GLN B 167 14.24 8.16 -26.19
CA GLN B 167 14.25 7.88 -27.63
C GLN B 167 14.48 9.17 -28.38
N GLU B 168 15.06 9.01 -29.57
CA GLU B 168 15.23 10.14 -30.47
C GLU B 168 13.87 10.62 -30.95
N VAL B 169 13.68 11.94 -30.95
CA VAL B 169 12.47 12.55 -31.50
C VAL B 169 12.91 13.63 -32.48
N PRO B 170 12.04 13.98 -33.42
CA PRO B 170 12.38 15.08 -34.34
C PRO B 170 12.64 16.36 -33.58
N ARG B 171 13.65 17.12 -34.01
CA ARG B 171 13.99 18.34 -33.28
C ARG B 171 12.79 19.28 -33.17
N GLU B 172 11.90 19.26 -34.17
CA GLU B 172 10.72 20.11 -34.15
C GLU B 172 9.79 19.80 -32.98
N ASP B 173 9.89 18.61 -32.40
CA ASP B 173 8.99 18.19 -31.35
C ASP B 173 9.54 18.35 -29.94
N THR B 174 10.76 18.88 -29.77
CA THR B 174 11.38 18.83 -28.45
C THR B 174 10.66 19.66 -27.41
N ARG B 175 9.83 20.62 -27.81
CA ARG B 175 9.08 21.34 -26.79
C ARG B 175 8.07 20.47 -26.07
N LYS B 176 7.81 19.26 -26.56
CA LYS B 176 6.87 18.38 -25.88
C LYS B 176 7.52 17.63 -24.72
N TYR B 177 8.85 17.61 -24.63
CA TYR B 177 9.52 16.57 -23.89
C TYR B 177 10.53 17.15 -22.92
N GLY B 178 10.90 16.32 -21.94
CA GLY B 178 12.13 16.52 -21.21
C GLY B 178 13.25 15.95 -22.08
N ILE B 179 14.34 16.71 -22.21
CA ILE B 179 15.43 16.40 -23.12
C ILE B 179 16.69 16.23 -22.28
N VAL B 180 17.43 15.16 -22.54
CA VAL B 180 18.65 14.85 -21.78
C VAL B 180 19.87 15.30 -22.55
N ALA B 181 20.82 15.90 -21.85
CA ALA B 181 22.17 16.12 -22.34
C ALA B 181 23.04 15.05 -21.70
N SER B 182 23.73 14.27 -22.54
CA SER B 182 24.39 13.06 -22.04
C SER B 182 25.64 12.78 -22.87
N GLN B 183 26.49 11.91 -22.32
CA GLN B 183 27.69 11.45 -22.99
C GLN B 183 27.69 9.93 -23.13
N PRO B 184 28.03 9.39 -24.31
CA PRO B 184 27.95 7.94 -24.50
C PRO B 184 28.86 7.15 -23.57
N VAL B 185 28.34 6.02 -23.10
CA VAL B 185 29.14 5.00 -22.46
C VAL B 185 29.15 3.70 -23.24
N ASP B 186 28.14 3.44 -24.07
CA ASP B 186 28.12 2.36 -25.04
C ASP B 186 27.10 2.74 -26.10
N ALA B 187 26.76 1.78 -26.96
CA ALA B 187 26.00 2.10 -28.16
C ALA B 187 24.58 2.57 -27.86
N ARG B 188 24.00 2.13 -26.74
CA ARG B 188 22.64 2.53 -26.41
C ARG B 188 22.52 3.32 -25.12
N THR B 189 23.55 3.32 -24.28
CA THR B 189 23.48 3.92 -22.94
C THR B 189 24.38 5.13 -22.89
N GLU B 190 23.92 6.17 -22.19
CA GLU B 190 24.64 7.43 -22.06
C GLU B 190 24.58 7.85 -20.60
N ARG B 191 25.57 8.64 -20.18
CA ARG B 191 25.57 9.23 -18.84
C ARG B 191 24.94 10.62 -18.93
N VAL B 192 23.90 10.84 -18.14
CA VAL B 192 23.18 12.12 -18.16
C VAL B 192 23.96 13.15 -17.35
N THR B 193 24.12 14.34 -17.92
CA THR B 193 24.75 15.47 -17.26
C THR B 193 23.79 16.61 -17.00
N HIS B 194 22.75 16.76 -17.81
CA HIS B 194 21.79 17.84 -17.66
C HIS B 194 20.47 17.33 -18.19
N ILE B 195 19.40 17.97 -17.76
CA ILE B 195 18.08 17.68 -18.29
C ILE B 195 17.35 18.99 -18.42
N VAL B 196 16.57 19.14 -19.48
CA VAL B 196 15.88 20.41 -19.76
C VAL B 196 14.46 20.12 -20.15
N GLU B 197 13.53 20.84 -19.52
CA GLU B 197 12.12 20.57 -19.71
C GLU B 197 11.58 21.49 -20.80
N LYS B 198 11.06 20.89 -21.86
CA LYS B 198 10.39 21.60 -22.95
C LYS B 198 11.23 22.70 -23.59
N PRO B 199 12.43 22.39 -24.07
CA PRO B 199 13.24 23.43 -24.73
C PRO B 199 12.62 23.85 -26.03
N ALA B 200 12.90 25.09 -26.42
CA ALA B 200 12.61 25.49 -27.79
C ALA B 200 13.41 24.62 -28.75
N PRO B 201 12.82 24.22 -29.89
CA PRO B 201 13.53 23.29 -30.79
C PRO B 201 14.91 23.76 -31.20
N GLU B 202 15.05 25.06 -31.49
CA GLU B 202 16.34 25.61 -31.89
C GLU B 202 17.36 25.56 -30.76
N GLN B 203 16.91 25.38 -29.53
CA GLN B 203 17.77 25.46 -28.36
C GLN B 203 17.88 24.14 -27.63
N ALA B 204 17.33 23.06 -28.16
CA ALA B 204 17.37 21.79 -27.46
C ALA B 204 18.79 21.24 -27.48
N PRO B 205 19.34 20.84 -26.34
CA PRO B 205 20.73 20.36 -26.34
C PRO B 205 20.90 19.10 -27.15
N THR B 206 19.88 18.27 -27.23
CA THR B 206 19.89 17.08 -28.05
C THR B 206 18.47 16.85 -28.50
N THR B 207 18.23 15.72 -29.17
CA THR B 207 16.88 15.26 -29.52
C THR B 207 16.59 13.94 -28.81
N LEU B 208 17.23 13.70 -27.69
CA LEU B 208 17.02 12.48 -26.91
C LEU B 208 16.01 12.80 -25.81
N ALA B 209 14.79 12.28 -25.92
CA ALA B 209 13.71 12.63 -25.03
C ALA B 209 13.42 11.53 -24.01
N VAL B 210 13.07 11.95 -22.81
CA VAL B 210 12.64 11.02 -21.76
C VAL B 210 11.23 10.51 -22.05
N VAL B 211 11.06 9.20 -22.03
CA VAL B 211 9.74 8.59 -22.11
C VAL B 211 9.34 8.08 -20.72
N GLY B 212 8.09 7.64 -20.62
CA GLY B 212 7.53 7.25 -19.33
C GLY B 212 7.97 5.90 -18.78
N ARG B 213 9.28 5.70 -18.66
CA ARG B 213 9.84 4.50 -18.07
C ARG B 213 11.07 4.93 -17.33
N TYR B 214 11.13 4.68 -16.02
CA TYR B 214 12.26 5.06 -15.19
C TYR B 214 12.63 3.92 -14.25
N VAL B 215 13.92 3.83 -13.94
CA VAL B 215 14.46 3.05 -12.82
C VAL B 215 15.24 4.04 -11.98
N LEU B 216 14.79 4.24 -10.73
CA LEU B 216 15.31 5.30 -9.89
C LEU B 216 15.80 4.75 -8.57
N GLU B 217 16.96 5.24 -8.13
CA GLU B 217 17.42 4.94 -6.79
C GLU B 217 16.58 5.71 -5.78
N ALA B 218 16.45 5.10 -4.60
CA ALA B 218 15.59 5.69 -3.56
C ALA B 218 16.10 7.05 -3.12
N ALA B 219 17.33 7.38 -3.40
CA ALA B 219 17.83 8.73 -3.10
C ALA B 219 17.04 9.83 -3.79
N ILE B 220 16.25 9.51 -4.81
CA ILE B 220 15.44 10.54 -5.45
C ILE B 220 14.44 11.15 -4.49
N PHE B 221 13.96 10.38 -3.50
CA PHE B 221 12.89 10.85 -2.63
C PHE B 221 13.31 12.10 -1.88
N ASP B 222 14.53 12.12 -1.35
CA ASP B 222 15.01 13.29 -0.64
C ASP B 222 15.05 14.52 -1.55
N HIS B 223 15.38 14.32 -2.83
CA HIS B 223 15.44 15.46 -3.75
C HIS B 223 14.05 15.96 -4.14
N LEU B 224 13.04 15.11 -4.10
CA LEU B 224 11.67 15.56 -4.35
C LEU B 224 11.02 16.21 -3.12
N ARG B 225 11.49 15.94 -1.90
CA ARG B 225 11.00 16.64 -0.72
C ARG B 225 11.54 18.07 -0.61
N ALA B 226 12.75 18.30 -1.14
CA ALA B 226 13.31 19.65 -1.18
C ALA B 226 12.61 20.54 -2.21
N THR B 227 12.08 19.93 -3.27
CA THR B 227 11.52 20.65 -4.42
C THR B 227 10.30 21.51 -4.09
N GLU B 234 3.12 22.54 -9.52
CA GLU B 234 3.33 21.10 -9.62
C GLU B 234 4.82 20.73 -9.53
N ILE B 235 5.15 19.86 -8.58
CA ILE B 235 6.51 19.34 -8.47
C ILE B 235 6.80 18.40 -9.64
N GLN B 236 7.85 18.70 -10.38
CA GLN B 236 8.21 17.98 -11.57
C GLN B 236 9.24 16.91 -11.22
N LEU B 237 9.04 15.71 -11.76
CA LEU B 237 10.04 14.68 -11.54
C LEU B 237 11.41 15.10 -12.09
N THR B 238 11.42 15.81 -13.24
CA THR B 238 12.67 16.28 -13.84
C THR B 238 13.50 17.09 -12.85
N ASP B 239 12.84 17.86 -11.97
CA ASP B 239 13.58 18.59 -10.95
C ASP B 239 14.31 17.65 -10.01
N GLY B 240 13.63 16.59 -9.59
CA GLY B 240 14.28 15.63 -8.72
C GLY B 240 15.46 14.97 -9.42
N ILE B 241 15.27 14.57 -10.67
CA ILE B 241 16.36 13.89 -11.36
C ILE B 241 17.53 14.85 -11.56
N ALA B 242 17.27 16.08 -11.96
CA ALA B 242 18.33 17.07 -12.10
C ALA B 242 19.08 17.24 -10.79
N ALA B 243 18.37 17.30 -9.67
CA ALA B 243 19.04 17.39 -8.38
C ALA B 243 19.79 16.10 -8.07
N LEU B 244 19.20 14.96 -8.37
CA LEU B 244 19.86 13.68 -8.14
C LEU B 244 21.18 13.58 -8.90
N LEU B 245 21.25 14.18 -10.10
CA LEU B 245 22.47 14.13 -10.90
C LEU B 245 23.67 14.62 -10.14
N ARG B 246 23.48 15.56 -9.22
CA ARG B 246 24.61 16.13 -8.49
C ARG B 246 25.15 15.20 -7.43
N GLU B 247 24.41 14.17 -7.06
CA GLU B 247 24.84 13.24 -6.02
C GLU B 247 25.15 11.86 -6.56
N ARG B 248 24.41 11.38 -7.55
CA ARG B 248 24.46 9.99 -7.95
C ARG B 248 24.52 9.89 -9.47
N ASP B 249 24.84 8.69 -9.94
CA ASP B 249 24.91 8.43 -11.37
C ASP B 249 23.51 8.24 -11.96
N VAL B 250 23.26 8.92 -13.07
CA VAL B 250 22.01 8.76 -13.81
C VAL B 250 22.35 8.52 -15.27
N TYR B 251 21.78 7.47 -15.83
CA TYR B 251 22.02 7.06 -17.21
C TYR B 251 20.72 7.20 -18.00
N ALA B 252 20.86 7.27 -19.32
CA ALA B 252 19.75 7.31 -20.25
C ALA B 252 19.95 6.16 -21.23
N HIS B 253 18.89 5.44 -21.56
CA HIS B 253 19.04 4.26 -22.42
C HIS B 253 18.04 4.29 -23.55
N ARG B 254 18.54 4.21 -24.79
CA ARG B 254 17.72 4.13 -25.99
C ARG B 254 17.18 2.72 -26.12
N TYR B 255 15.98 2.53 -25.61
CA TYR B 255 15.37 1.22 -25.63
C TYR B 255 14.97 0.87 -27.04
N ASP B 256 14.83 -0.43 -27.26
CA ASP B 256 14.26 -0.99 -28.47
C ASP B 256 12.76 -1.20 -28.24
N GLY B 257 11.94 -0.64 -29.10
CA GLY B 257 10.52 -0.80 -28.95
C GLY B 257 9.77 0.35 -29.56
N LYS B 258 8.48 0.12 -29.81
CA LYS B 258 7.64 1.09 -30.50
C LYS B 258 6.74 1.73 -29.45
N ARG B 259 6.91 3.04 -29.26
CA ARG B 259 6.18 3.80 -28.27
C ARG B 259 4.97 4.49 -28.92
N TYR B 260 3.80 4.30 -28.33
CA TYR B 260 2.61 5.04 -28.72
C TYR B 260 2.29 6.05 -27.64
N ASP B 261 2.29 7.31 -28.03
CA ASP B 261 2.00 8.38 -27.08
C ASP B 261 0.48 8.50 -26.99
N CYS B 262 -0.11 7.85 -26.01
CA CYS B 262 -1.56 7.90 -25.91
C CYS B 262 -2.07 9.11 -25.12
N GLY B 263 -1.20 10.05 -24.83
CA GLY B 263 -1.64 11.28 -24.19
C GLY B 263 -2.50 12.16 -25.07
N SER B 264 -2.57 11.91 -26.37
CA SER B 264 -3.47 12.65 -27.25
C SER B 264 -4.49 11.72 -27.88
N LYS B 265 -5.61 12.30 -28.31
CA LYS B 265 -6.63 11.53 -29.00
C LYS B 265 -6.07 10.88 -30.26
N ALA B 266 -5.25 11.63 -31.01
CA ALA B 266 -4.66 11.08 -32.22
C ALA B 266 -3.68 9.95 -31.90
N GLY B 267 -2.85 10.13 -30.88
CA GLY B 267 -1.90 9.08 -30.54
C GLY B 267 -2.61 7.83 -30.05
N MET B 268 -3.66 8.02 -29.24
CA MET B 268 -4.42 6.87 -28.76
C MET B 268 -5.13 6.16 -29.91
N PHE B 269 -5.68 6.93 -30.85
CA PHE B 269 -6.30 6.36 -32.05
C PHE B 269 -5.31 5.52 -32.86
N GLN B 270 -4.09 6.02 -33.06
CA GLN B 270 -3.14 5.23 -33.83
C GLN B 270 -2.69 3.97 -33.09
N ALA B 271 -2.62 4.03 -31.76
CA ALA B 271 -2.38 2.81 -30.99
C ALA B 271 -3.52 1.81 -31.18
N THR B 272 -4.77 2.27 -31.16
CA THR B 272 -5.87 1.35 -31.41
C THR B 272 -5.76 0.72 -32.79
N VAL B 273 -5.44 1.52 -33.81
CA VAL B 273 -5.32 0.98 -35.16
C VAL B 273 -4.18 -0.03 -35.20
N ALA B 274 -3.01 0.36 -34.72
CA ALA B 274 -1.82 -0.47 -34.90
C ALA B 274 -1.89 -1.75 -34.10
N LEU B 275 -2.25 -1.65 -32.83
CA LEU B 275 -2.34 -2.84 -32.00
C LEU B 275 -3.60 -3.64 -32.28
N GLY B 276 -4.69 -2.99 -32.67
CA GLY B 276 -5.82 -3.75 -33.15
C GLY B 276 -5.44 -4.61 -34.35
N ARG B 277 -4.63 -4.06 -35.25
CA ARG B 277 -4.17 -4.86 -36.38
C ARG B 277 -3.28 -5.99 -35.90
N LYS B 278 -2.28 -5.67 -35.08
CA LYS B 278 -1.24 -6.65 -34.80
C LYS B 278 -1.76 -7.78 -33.92
N TYR B 279 -2.53 -7.48 -32.86
CA TYR B 279 -2.91 -8.49 -31.89
C TYR B 279 -4.34 -8.96 -32.05
N HIS B 280 -5.12 -8.34 -32.90
CA HIS B 280 -6.53 -8.67 -33.04
C HIS B 280 -6.99 -8.83 -34.49
N GLY B 281 -6.12 -8.59 -35.46
CA GLY B 281 -6.52 -8.75 -36.85
C GLY B 281 -7.55 -7.76 -37.33
N LEU B 282 -7.68 -6.61 -36.67
CA LEU B 282 -8.65 -5.59 -37.02
C LEU B 282 -8.06 -4.64 -38.05
N ILE B 283 -8.85 -4.37 -39.08
CA ILE B 283 -8.40 -3.61 -40.24
C ILE B 283 -9.42 -2.53 -40.54
N PRO B 284 -9.02 -1.28 -40.70
CA PRO B 284 -9.99 -0.24 -41.05
C PRO B 284 -10.69 -0.53 -42.36
N GLU B 285 -11.98 -0.25 -42.38
CA GLU B 285 -12.69 -0.21 -43.65
C GLU B 285 -12.44 1.17 -44.26
#